data_4YC8
#
_entry.id   4YC8
#
_cell.length_a   112.760
_cell.length_b   127.100
_cell.length_c   57.170
_cell.angle_alpha   90.000
_cell.angle_beta   90.000
_cell.angle_gamma   90.000
#
_symmetry.space_group_name_H-M   'P 21 21 2'
#
loop_
_entity.id
_entity.type
_entity.pdbx_description
1 polymer 'Tyrosine-protein kinase ABL1'
2 non-polymer 2-({6-[4-(2-hydroxyethyl)piperazin-1-yl]-2-methylpyrimidin-4-yl}amino)-N-(4-phenoxyphenyl)-1,3-thiazole-5-carboxamide
3 non-polymer 1,2-ETHANEDIOL
4 non-polymer '2-(N-MORPHOLINO)-ETHANESULFONIC ACID'
5 water water
#
_entity_poly.entity_id   1
_entity_poly.type   'polypeptide(L)'
_entity_poly.pdbx_seq_one_letter_code
;GHMSPNYDKWEMERTDITMKHKLGGGQYGEVYEGVWKKYSLTVAVKTLKEDTMEVEEFLKEAAVMKEIKHPNLVQLLGVC
TREPPFYIITEFMTYGNLLDYLRECNRQEVNAVVLLYMATQISSAMEYLEKKNFIHRDLAARNCLVGENHLVKVADFGLS
RLMTGDTYTAHAGAKFPIKWTAPESLAYNKFSIKSDVWAFGVLLWEIATYGMSPYPGIDLSQVYELLEKDYRMERPEGCP
EKVYELMRACWQWNPSDRPSFAEIHQAFETMFQESSISDEVEKELGK
;
_entity_poly.pdbx_strand_id   A,B
#
loop_
_chem_comp.id
_chem_comp.type
_chem_comp.name
_chem_comp.formula
4B7 non-polymer 2-({6-[4-(2-hydroxyethyl)piperazin-1-yl]-2-methylpyrimidin-4-yl}amino)-N-(4-phenoxyphenyl)-1,3-thiazole-5-carboxamide 'C27 H29 N7 O3 S'
EDO non-polymer 1,2-ETHANEDIOL 'C2 H6 O2'
MES non-polymer '2-(N-MORPHOLINO)-ETHANESULFONIC ACID' 'C6 H13 N O4 S'
#
# COMPACT_ATOMS: atom_id res chain seq x y z
N ASP A 8 18.15 -5.41 9.16
CA ASP A 8 17.76 -4.01 8.98
C ASP A 8 18.43 -3.10 10.01
N LYS A 9 18.85 -1.90 9.56
CA LYS A 9 19.47 -0.89 10.41
C LYS A 9 18.43 -0.35 11.42
N TRP A 10 17.14 -0.34 11.02
CA TRP A 10 15.97 0.11 11.77
C TRP A 10 15.54 -0.89 12.86
N GLU A 11 15.84 -2.19 12.66
CA GLU A 11 15.50 -3.24 13.61
C GLU A 11 16.37 -3.11 14.87
N MET A 12 15.75 -3.25 16.05
CA MET A 12 16.43 -3.08 17.33
C MET A 12 15.99 -4.10 18.39
N GLU A 13 16.74 -4.17 19.53
CA GLU A 13 16.51 -5.08 20.65
C GLU A 13 15.39 -4.54 21.55
N ARG A 14 14.34 -5.36 21.81
CA ARG A 14 13.16 -5.01 22.62
C ARG A 14 13.53 -4.61 24.06
N THR A 15 14.57 -5.28 24.62
CA THR A 15 15.09 -5.04 25.98
C THR A 15 15.79 -3.68 26.10
N ASP A 16 16.13 -3.05 24.96
CA ASP A 16 16.80 -1.75 24.89
C ASP A 16 15.84 -0.58 25.20
N ILE A 17 14.51 -0.84 25.24
CA ILE A 17 13.50 0.16 25.57
C ILE A 17 12.85 -0.18 26.93
N THR A 18 12.77 0.81 27.83
CA THR A 18 12.11 0.68 29.13
C THR A 18 10.80 1.50 29.06
N MET A 19 9.67 0.92 29.50
CA MET A 19 8.38 1.60 29.47
C MET A 19 8.16 2.41 30.72
N LYS A 20 7.82 3.70 30.56
CA LYS A 20 7.61 4.60 31.69
C LYS A 20 6.12 4.80 32.01
N HIS A 21 5.32 5.26 31.02
CA HIS A 21 3.92 5.59 31.23
C HIS A 21 3.04 5.24 30.05
N LYS A 22 1.81 4.77 30.32
CA LYS A 22 0.80 4.49 29.27
C LYS A 22 0.15 5.81 28.88
N LEU A 23 0.13 6.11 27.57
CA LEU A 23 -0.41 7.37 27.03
C LEU A 23 -1.60 7.12 26.11
N GLU A 30 -1.92 1.24 24.02
CA GLU A 30 -0.84 0.59 23.26
C GLU A 30 0.36 1.54 23.04
N VAL A 31 0.16 2.90 23.15
CA VAL A 31 1.26 3.89 23.00
C VAL A 31 1.79 4.36 24.39
N TYR A 32 3.11 4.15 24.61
CA TYR A 32 3.81 4.47 25.86
C TYR A 32 4.90 5.49 25.72
N GLU A 33 5.19 6.19 26.82
CA GLU A 33 6.35 7.06 26.96
C GLU A 33 7.47 6.15 27.46
N GLY A 34 8.53 6.00 26.68
CA GLY A 34 9.63 5.13 27.07
C GLY A 34 10.98 5.80 27.03
N VAL A 35 12.04 5.02 27.32
CA VAL A 35 13.43 5.47 27.30
C VAL A 35 14.30 4.48 26.50
N TRP A 36 15.03 5.01 25.51
CA TRP A 36 16.06 4.26 24.82
C TRP A 36 17.27 4.35 25.75
N LYS A 37 17.40 3.39 26.67
CA LYS A 37 18.41 3.35 27.73
C LYS A 37 19.83 3.65 27.25
N LYS A 38 20.30 3.01 26.15
CA LYS A 38 21.67 3.24 25.68
C LYS A 38 21.90 4.68 25.14
N TYR A 39 20.82 5.46 24.90
CA TYR A 39 20.93 6.84 24.39
C TYR A 39 20.38 7.85 25.39
N SER A 40 19.83 7.37 26.53
CA SER A 40 19.21 8.15 27.62
C SER A 40 18.14 9.11 27.08
N LEU A 41 17.54 8.74 25.92
CA LEU A 41 16.56 9.48 25.14
C LEU A 41 15.12 9.01 25.42
N THR A 42 14.23 9.99 25.69
CA THR A 42 12.79 9.76 25.89
C THR A 42 12.17 9.56 24.53
N VAL A 43 11.46 8.44 24.39
CA VAL A 43 10.85 8.03 23.13
C VAL A 43 9.37 7.73 23.37
N ALA A 44 8.65 7.52 22.26
CA ALA A 44 7.25 7.09 22.23
C ALA A 44 7.22 5.74 21.53
N VAL A 45 6.74 4.70 22.22
CA VAL A 45 6.68 3.33 21.73
C VAL A 45 5.24 2.86 21.58
N LYS A 46 4.88 2.32 20.42
CA LYS A 46 3.56 1.76 20.21
C LYS A 46 3.70 0.24 20.13
N THR A 47 2.83 -0.48 20.85
CA THR A 47 2.84 -1.96 20.93
C THR A 47 1.76 -2.54 20.00
N LEU A 48 2.14 -3.53 19.17
CA LEU A 48 1.22 -4.13 18.22
C LEU A 48 0.97 -5.61 18.54
N MET A 53 -4.85 -8.14 13.86
CA MET A 53 -5.26 -8.62 12.55
C MET A 53 -4.59 -7.79 11.44
N GLU A 54 -4.80 -6.46 11.46
CA GLU A 54 -4.24 -5.50 10.50
C GLU A 54 -2.86 -5.00 10.97
N VAL A 55 -2.20 -5.80 11.83
CA VAL A 55 -0.89 -5.54 12.43
C VAL A 55 0.18 -5.37 11.34
N GLU A 56 0.17 -6.25 10.31
CA GLU A 56 1.13 -6.21 9.19
C GLU A 56 0.97 -4.95 8.33
N GLU A 57 -0.23 -4.33 8.34
CA GLU A 57 -0.51 -3.09 7.60
C GLU A 57 0.19 -1.94 8.29
N PHE A 58 0.13 -1.92 9.64
CA PHE A 58 0.78 -0.92 10.49
C PHE A 58 2.30 -0.94 10.34
N LEU A 59 2.89 -2.14 10.12
CA LEU A 59 4.33 -2.30 9.94
C LEU A 59 4.74 -1.81 8.55
N LYS A 60 3.82 -1.93 7.57
CA LYS A 60 4.02 -1.46 6.19
C LYS A 60 4.02 0.05 6.20
N GLU A 61 3.07 0.64 6.95
CA GLU A 61 2.93 2.09 7.14
C GLU A 61 4.14 2.65 7.86
N ALA A 62 4.68 1.88 8.82
CA ALA A 62 5.88 2.24 9.56
C ALA A 62 7.11 2.25 8.65
N ALA A 63 7.19 1.30 7.67
CA ALA A 63 8.28 1.16 6.69
C ALA A 63 8.40 2.40 5.79
N VAL A 64 7.27 3.08 5.51
CA VAL A 64 7.18 4.33 4.72
C VAL A 64 8.01 5.42 5.45
N MET A 65 7.79 5.58 6.78
CA MET A 65 8.46 6.53 7.71
C MET A 65 10.00 6.46 7.65
N LYS A 66 10.55 5.33 7.19
CA LYS A 66 11.98 5.11 7.03
C LYS A 66 12.54 6.05 5.94
N GLU A 67 11.72 6.28 4.88
CA GLU A 67 12.05 7.10 3.70
C GLU A 67 11.99 8.62 3.95
N ILE A 68 11.17 9.10 4.92
CA ILE A 68 11.04 10.56 5.16
C ILE A 68 11.90 11.06 6.35
N LYS A 69 12.46 12.27 6.19
CA LYS A 69 13.24 13.00 7.20
C LYS A 69 13.01 14.50 7.03
N HIS A 70 12.32 15.12 8.01
CA HIS A 70 12.00 16.55 8.00
C HIS A 70 11.86 17.07 9.43
N PRO A 71 12.37 18.29 9.73
CA PRO A 71 12.22 18.85 11.08
C PRO A 71 10.77 18.98 11.60
N ASN A 72 9.75 18.93 10.70
CA ASN A 72 8.33 19.09 11.06
C ASN A 72 7.50 17.82 10.77
N LEU A 73 8.14 16.64 10.81
CA LEU A 73 7.51 15.32 10.70
C LEU A 73 8.00 14.43 11.83
N VAL A 74 7.08 13.74 12.55
CA VAL A 74 7.44 12.84 13.67
C VAL A 74 8.44 11.72 13.19
N GLN A 75 9.67 11.80 13.71
CA GLN A 75 10.83 10.97 13.40
C GLN A 75 10.70 9.53 13.86
N LEU A 76 10.79 8.58 12.89
CA LEU A 76 10.87 7.16 13.23
C LEU A 76 12.29 6.92 13.71
N LEU A 77 12.46 6.20 14.83
CA LEU A 77 13.78 5.90 15.39
C LEU A 77 14.13 4.40 15.30
N GLY A 78 13.16 3.52 15.52
CA GLY A 78 13.38 2.08 15.49
C GLY A 78 12.11 1.28 15.34
N VAL A 79 12.30 -0.04 15.26
CA VAL A 79 11.22 -1.01 15.04
C VAL A 79 11.61 -2.39 15.63
N CYS A 80 10.64 -3.13 16.19
CA CYS A 80 10.82 -4.49 16.72
C CYS A 80 9.83 -5.39 16.00
N THR A 81 10.28 -6.09 14.93
CA THR A 81 9.41 -6.94 14.09
C THR A 81 9.90 -8.41 13.99
N ARG A 82 10.48 -8.96 15.10
CA ARG A 82 10.97 -10.33 15.13
C ARG A 82 10.02 -11.23 15.93
N GLU A 83 9.55 -10.77 17.11
CA GLU A 83 8.68 -11.54 17.99
C GLU A 83 7.49 -10.70 18.51
N PRO A 84 6.33 -11.32 18.83
CA PRO A 84 5.20 -10.53 19.37
C PRO A 84 5.35 -10.21 20.88
N PRO A 85 4.92 -9.01 21.34
CA PRO A 85 4.34 -7.89 20.57
C PRO A 85 5.41 -7.10 19.83
N PHE A 86 5.01 -6.45 18.73
CA PHE A 86 5.90 -5.63 17.91
C PHE A 86 5.95 -4.19 18.44
N TYR A 87 7.15 -3.55 18.37
CA TYR A 87 7.35 -2.16 18.81
C TYR A 87 7.63 -1.23 17.64
N ILE A 88 7.00 -0.06 17.65
CA ILE A 88 7.30 1.01 16.70
C ILE A 88 7.76 2.20 17.56
N ILE A 89 9.01 2.66 17.35
CA ILE A 89 9.60 3.71 18.18
C ILE A 89 9.78 4.98 17.38
N THR A 90 9.25 6.09 17.91
CA THR A 90 9.41 7.42 17.32
C THR A 90 9.95 8.36 18.37
N GLU A 91 10.27 9.61 17.95
CA GLU A 91 10.65 10.69 18.85
C GLU A 91 9.44 11.01 19.71
N PHE A 92 9.69 11.55 20.90
CA PHE A 92 8.63 11.92 21.84
C PHE A 92 8.33 13.42 21.75
N MET A 93 7.03 13.72 21.57
CA MET A 93 6.50 15.06 21.48
C MET A 93 5.90 15.39 22.85
N THR A 94 6.60 16.27 23.61
CA THR A 94 6.29 16.59 25.00
C THR A 94 4.89 17.17 25.29
N TYR A 95 4.25 17.90 24.35
CA TYR A 95 2.95 18.52 24.71
C TYR A 95 1.70 17.85 24.12
N GLY A 96 1.84 16.66 23.54
CA GLY A 96 0.69 15.96 22.98
C GLY A 96 0.23 16.57 21.66
N ASN A 97 -1.06 16.40 21.33
CA ASN A 97 -1.62 16.87 20.04
C ASN A 97 -2.01 18.35 20.03
N LEU A 98 -1.99 18.96 18.84
CA LEU A 98 -2.28 20.37 18.59
C LEU A 98 -3.73 20.73 18.95
N LEU A 99 -4.70 19.81 18.76
CA LEU A 99 -6.10 20.09 19.11
C LEU A 99 -6.24 20.39 20.63
N ASP A 100 -5.80 19.46 21.51
CA ASP A 100 -5.84 19.65 22.98
C ASP A 100 -4.98 20.85 23.43
N TYR A 101 -3.84 21.07 22.74
CA TYR A 101 -2.92 22.15 23.02
C TYR A 101 -3.61 23.48 22.82
N LEU A 102 -4.18 23.71 21.62
CA LEU A 102 -4.86 24.96 21.30
C LEU A 102 -6.01 25.29 22.26
N ARG A 103 -6.81 24.28 22.62
CA ARG A 103 -7.97 24.43 23.51
C ARG A 103 -7.57 24.78 24.93
N GLU A 104 -6.43 24.23 25.41
CA GLU A 104 -5.97 24.42 26.80
C GLU A 104 -4.89 25.53 27.03
N CYS A 105 -4.39 26.14 25.96
CA CYS A 105 -3.34 27.15 26.02
C CYS A 105 -3.80 28.50 26.59
N ASN A 106 -2.79 29.33 26.95
CA ASN A 106 -2.87 30.72 27.32
C ASN A 106 -2.79 31.47 26.03
N ARG A 107 -3.92 31.95 25.50
CA ARG A 107 -3.96 32.65 24.21
C ARG A 107 -3.13 33.97 24.17
N GLN A 108 -2.75 34.51 25.35
CA GLN A 108 -1.87 35.68 25.42
C GLN A 108 -0.43 35.27 24.99
N GLU A 109 -0.02 34.01 25.33
CA GLU A 109 1.26 33.41 24.95
C GLU A 109 1.18 32.90 23.51
N VAL A 110 0.13 32.09 23.22
CA VAL A 110 -0.16 31.48 21.92
C VAL A 110 -0.99 32.48 21.11
N ASN A 111 -0.35 33.58 20.66
CA ASN A 111 -1.03 34.67 19.94
C ASN A 111 -1.04 34.46 18.41
N ALA A 112 -1.32 35.55 17.63
CA ALA A 112 -1.40 35.59 16.17
C ALA A 112 -0.11 35.10 15.50
N VAL A 113 1.04 35.57 16.02
CA VAL A 113 2.38 35.24 15.55
C VAL A 113 2.63 33.75 15.71
N VAL A 114 2.21 33.17 16.87
CA VAL A 114 2.39 31.75 17.15
C VAL A 114 1.50 30.96 16.22
N LEU A 115 0.24 31.43 16.02
CA LEU A 115 -0.70 30.80 15.10
C LEU A 115 -0.08 30.74 13.70
N LEU A 116 0.63 31.83 13.31
CA LEU A 116 1.34 31.98 12.04
C LEU A 116 2.56 31.05 11.96
N TYR A 117 3.30 30.91 13.08
CA TYR A 117 4.47 30.04 13.17
C TYR A 117 4.10 28.56 13.02
N MET A 118 2.98 28.14 13.63
CA MET A 118 2.49 26.76 13.57
C MET A 118 2.05 26.39 12.15
N ALA A 119 1.38 27.33 11.43
CA ALA A 119 0.94 27.08 10.05
C ALA A 119 2.15 26.97 9.10
N THR A 120 3.19 27.80 9.31
CA THR A 120 4.45 27.77 8.53
C THR A 120 5.13 26.40 8.71
N GLN A 121 5.16 25.90 9.98
CA GLN A 121 5.75 24.63 10.33
C GLN A 121 5.02 23.48 9.63
N ILE A 122 3.66 23.48 9.63
CA ILE A 122 2.84 22.43 9.01
C ILE A 122 2.98 22.47 7.46
N SER A 123 2.88 23.66 6.83
CA SER A 123 3.02 23.79 5.37
C SER A 123 4.42 23.40 4.90
N SER A 124 5.45 23.57 5.76
CA SER A 124 6.82 23.19 5.46
C SER A 124 6.89 21.68 5.29
N ALA A 125 6.31 20.95 6.27
CA ALA A 125 6.20 19.48 6.30
C ALA A 125 5.47 18.98 5.07
N MET A 126 4.35 19.63 4.72
CA MET A 126 3.49 19.28 3.61
C MET A 126 4.13 19.61 2.24
N GLU A 127 4.95 20.67 2.11
CA GLU A 127 5.69 21.02 0.88
C GLU A 127 6.70 19.94 0.60
N TYR A 128 7.31 19.36 1.66
CA TYR A 128 8.29 18.29 1.58
C TYR A 128 7.61 17.05 1.01
N LEU A 129 6.50 16.58 1.66
CA LEU A 129 5.69 15.44 1.22
C LEU A 129 5.21 15.65 -0.21
N GLU A 130 4.71 16.86 -0.53
CA GLU A 130 4.27 17.22 -1.88
C GLU A 130 5.41 16.93 -2.89
N LYS A 131 6.64 17.44 -2.61
CA LYS A 131 7.81 17.28 -3.47
C LYS A 131 8.25 15.81 -3.57
N LYS A 132 8.27 15.09 -2.43
CA LYS A 132 8.65 13.67 -2.35
C LYS A 132 7.49 12.71 -2.77
N ASN A 133 6.39 13.24 -3.34
CA ASN A 133 5.20 12.50 -3.84
C ASN A 133 4.54 11.56 -2.77
N PHE A 134 4.21 12.12 -1.59
CA PHE A 134 3.54 11.39 -0.51
C PHE A 134 2.18 12.02 -0.27
N ILE A 135 1.27 11.24 0.31
CA ILE A 135 -0.11 11.60 0.61
C ILE A 135 -0.31 11.34 2.11
N HIS A 136 -0.92 12.29 2.80
CA HIS A 136 -1.15 12.16 4.23
C HIS A 136 -2.43 11.36 4.56
N ARG A 137 -3.58 11.74 3.94
CA ARG A 137 -4.91 11.14 4.05
C ARG A 137 -5.63 11.36 5.44
N ASP A 138 -4.99 12.02 6.44
CA ASP A 138 -5.67 12.34 7.72
C ASP A 138 -5.07 13.62 8.37
N LEU A 139 -5.00 14.73 7.62
CA LEU A 139 -4.41 15.96 8.13
C LEU A 139 -5.43 16.75 8.96
N ALA A 140 -5.23 16.77 10.28
CA ALA A 140 -6.08 17.46 11.27
C ALA A 140 -5.25 17.87 12.46
N ALA A 141 -5.68 18.89 13.22
CA ALA A 141 -4.94 19.35 14.39
C ALA A 141 -4.67 18.16 15.36
N ARG A 142 -5.62 17.20 15.48
CA ARG A 142 -5.46 15.99 16.31
C ARG A 142 -4.24 15.13 15.86
N ASN A 143 -3.89 15.15 14.56
CA ASN A 143 -2.77 14.39 14.00
C ASN A 143 -1.52 15.28 13.76
N CYS A 144 -1.41 16.36 14.56
CA CYS A 144 -0.27 17.24 14.64
C CYS A 144 0.16 17.17 16.06
N LEU A 145 1.46 16.96 16.28
CA LEU A 145 1.98 16.85 17.62
C LEU A 145 2.80 18.07 17.96
N VAL A 146 2.69 18.51 19.20
CA VAL A 146 3.33 19.72 19.68
C VAL A 146 4.49 19.41 20.66
N GLY A 147 5.64 20.02 20.37
CA GLY A 147 6.84 19.98 21.19
C GLY A 147 6.90 21.23 22.06
N GLU A 148 8.12 21.60 22.48
CA GLU A 148 8.30 22.77 23.33
C GLU A 148 8.58 23.97 22.44
N ASN A 149 8.05 25.14 22.85
CA ASN A 149 8.19 26.46 22.23
C ASN A 149 7.42 26.55 20.92
N HIS A 150 6.22 25.97 20.95
CA HIS A 150 5.22 25.94 19.88
C HIS A 150 5.74 25.19 18.66
N LEU A 151 6.54 24.13 18.90
CA LEU A 151 7.08 23.28 17.84
C LEU A 151 5.99 22.34 17.38
N VAL A 152 5.77 22.26 16.05
CA VAL A 152 4.73 21.40 15.52
C VAL A 152 5.37 20.47 14.54
N LYS A 153 5.09 19.18 14.71
CA LYS A 153 5.50 18.11 13.80
C LYS A 153 4.23 17.38 13.37
N VAL A 154 4.04 17.19 12.07
CA VAL A 154 2.86 16.49 11.54
C VAL A 154 3.01 14.97 11.83
N ALA A 155 1.96 14.30 12.29
CA ALA A 155 2.00 12.85 12.51
C ALA A 155 2.07 12.19 11.13
N ASP A 156 3.03 11.31 10.92
CA ASP A 156 3.28 10.68 9.62
C ASP A 156 3.17 9.16 9.72
N PHE A 157 2.12 8.66 10.39
CA PHE A 157 1.99 7.21 10.60
C PHE A 157 1.02 6.51 9.57
N GLY A 158 0.49 7.24 8.59
CA GLY A 158 -0.43 6.68 7.59
C GLY A 158 -0.20 7.13 6.17
N LEU A 159 1.02 7.62 5.87
CA LEU A 159 1.41 8.13 4.56
C LEU A 159 1.32 7.09 3.46
N SER A 160 0.83 7.52 2.31
CA SER A 160 0.76 6.72 1.11
C SER A 160 1.66 7.32 0.10
N ARG A 161 2.53 6.52 -0.47
CA ARG A 161 3.43 7.00 -1.52
C ARG A 161 2.67 6.95 -2.84
N LEU A 162 2.85 7.95 -3.70
CA LEU A 162 2.24 7.97 -5.02
C LEU A 162 3.15 7.16 -5.96
N MET A 163 2.81 5.87 -6.17
CA MET A 163 3.61 4.95 -6.97
C MET A 163 3.48 5.25 -8.46
N THR A 164 2.25 5.51 -8.91
CA THR A 164 1.90 5.90 -10.28
C THR A 164 0.79 6.96 -10.17
N GLY A 165 0.89 7.99 -10.99
CA GLY A 165 -0.12 9.05 -11.01
C GLY A 165 -0.23 9.94 -9.77
N ASP A 166 -0.98 11.03 -9.94
CA ASP A 166 -1.24 12.08 -8.95
C ASP A 166 -2.30 11.65 -7.91
N THR A 167 -3.21 10.71 -8.26
CA THR A 167 -4.35 10.32 -7.42
C THR A 167 -4.32 8.88 -6.84
N TYR A 168 -4.51 8.77 -5.52
CA TYR A 168 -4.65 7.54 -4.75
C TYR A 168 -6.13 7.22 -4.60
N THR A 169 -6.53 5.97 -4.70
CA THR A 169 -7.92 5.55 -4.55
C THR A 169 -8.04 4.63 -3.35
N ALA A 170 -8.71 5.11 -2.29
CA ALA A 170 -8.96 4.32 -1.08
C ALA A 170 -9.95 3.20 -1.41
N HIS A 171 -9.87 2.07 -0.68
CA HIS A 171 -10.74 0.92 -0.91
C HIS A 171 -12.20 1.27 -0.66
N ALA A 172 -13.11 0.79 -1.54
CA ALA A 172 -14.55 1.00 -1.40
C ALA A 172 -15.01 0.49 -0.02
N GLY A 173 -15.70 1.33 0.73
CA GLY A 173 -16.15 0.98 2.06
C GLY A 173 -15.22 1.42 3.18
N ALA A 174 -14.41 2.46 2.92
CA ALA A 174 -13.55 3.05 3.94
C ALA A 174 -14.23 4.28 4.43
N LYS A 175 -14.24 4.48 5.74
CA LYS A 175 -14.88 5.65 6.34
C LYS A 175 -13.82 6.73 6.52
N PHE A 176 -14.19 8.01 6.34
CA PHE A 176 -13.22 9.11 6.47
C PHE A 176 -13.70 10.20 7.47
N PRO A 177 -12.82 11.08 8.05
CA PRO A 177 -13.34 12.19 8.87
C PRO A 177 -13.92 13.31 7.97
N ILE A 178 -15.21 13.17 7.62
CA ILE A 178 -16.00 13.97 6.69
C ILE A 178 -15.64 15.47 6.73
N LYS A 179 -15.69 16.09 7.92
CA LYS A 179 -15.45 17.54 8.14
C LYS A 179 -14.08 18.02 7.61
N TRP A 180 -13.12 17.08 7.38
CA TRP A 180 -11.76 17.35 6.85
C TRP A 180 -11.57 16.84 5.44
N THR A 181 -12.43 15.89 4.99
CA THR A 181 -12.34 15.22 3.70
C THR A 181 -12.89 16.10 2.57
N ALA A 182 -12.10 16.19 1.47
CA ALA A 182 -12.37 16.95 0.26
C ALA A 182 -13.55 16.34 -0.51
N PRO A 183 -14.27 17.12 -1.36
CA PRO A 183 -15.46 16.57 -2.05
C PRO A 183 -15.21 15.34 -2.94
N GLU A 184 -14.16 15.36 -3.77
CA GLU A 184 -13.84 14.22 -4.65
C GLU A 184 -13.52 12.97 -3.83
N SER A 185 -12.95 13.14 -2.62
CA SER A 185 -12.61 12.02 -1.74
C SER A 185 -13.90 11.44 -1.14
N LEU A 186 -14.85 12.32 -0.77
CA LEU A 186 -16.13 11.91 -0.20
C LEU A 186 -16.97 11.19 -1.24
N ALA A 187 -17.02 11.73 -2.46
CA ALA A 187 -17.83 11.24 -3.56
C ALA A 187 -17.22 10.03 -4.35
N TYR A 188 -15.89 10.03 -4.58
CA TYR A 188 -15.23 9.00 -5.39
C TYR A 188 -14.04 8.24 -4.71
N ASN A 189 -13.76 8.46 -3.42
CA ASN A 189 -12.66 7.82 -2.66
C ASN A 189 -11.25 8.15 -3.26
N LYS A 190 -11.18 9.22 -4.09
CA LYS A 190 -9.97 9.72 -4.75
C LYS A 190 -9.25 10.72 -3.84
N PHE A 191 -7.94 10.53 -3.60
CA PHE A 191 -7.06 11.36 -2.74
C PHE A 191 -5.84 11.85 -3.49
N SER A 192 -5.49 13.11 -3.34
CA SER A 192 -4.31 13.68 -3.98
C SER A 192 -3.62 14.64 -3.01
N ILE A 193 -2.56 15.34 -3.44
CA ILE A 193 -1.94 16.32 -2.54
C ILE A 193 -2.91 17.52 -2.40
N LYS A 194 -3.78 17.74 -3.43
CA LYS A 194 -4.79 18.82 -3.47
C LYS A 194 -5.95 18.50 -2.52
N SER A 195 -6.16 17.18 -2.21
CA SER A 195 -7.15 16.72 -1.23
C SER A 195 -6.54 16.95 0.17
N ASP A 196 -5.18 16.94 0.29
CA ASP A 196 -4.44 17.26 1.53
C ASP A 196 -4.41 18.78 1.68
N VAL A 197 -4.42 19.52 0.56
CA VAL A 197 -4.50 20.99 0.56
C VAL A 197 -5.89 21.40 1.13
N TRP A 198 -6.97 20.69 0.75
CA TRP A 198 -8.30 20.92 1.31
C TRP A 198 -8.29 20.68 2.82
N ALA A 199 -7.75 19.52 3.27
CA ALA A 199 -7.71 19.13 4.68
C ALA A 199 -6.84 20.11 5.47
N PHE A 200 -5.80 20.71 4.82
CA PHE A 200 -4.92 21.71 5.42
C PHE A 200 -5.73 23.00 5.75
N GLY A 201 -6.66 23.36 4.85
CA GLY A 201 -7.55 24.52 4.96
C GLY A 201 -8.40 24.40 6.21
N VAL A 202 -8.95 23.20 6.46
CA VAL A 202 -9.78 22.93 7.63
C VAL A 202 -8.88 23.04 8.89
N LEU A 203 -7.64 22.51 8.80
CA LEU A 203 -6.66 22.63 9.87
C LEU A 203 -6.33 24.14 10.16
N LEU A 204 -6.34 25.02 9.13
CA LEU A 204 -6.11 26.44 9.33
C LEU A 204 -7.24 27.05 10.17
N TRP A 205 -8.48 26.64 9.85
CA TRP A 205 -9.70 27.01 10.56
C TRP A 205 -9.58 26.56 12.02
N GLU A 206 -9.05 25.33 12.26
CA GLU A 206 -8.82 24.78 13.60
C GLU A 206 -7.84 25.66 14.38
N ILE A 207 -6.67 26.01 13.77
CA ILE A 207 -5.64 26.88 14.37
C ILE A 207 -6.25 28.25 14.71
N ALA A 208 -6.96 28.88 13.72
CA ALA A 208 -7.61 30.19 13.79
C ALA A 208 -8.68 30.27 14.87
N THR A 209 -9.37 29.14 15.16
CA THR A 209 -10.45 29.06 16.15
C THR A 209 -10.02 28.46 17.49
N TYR A 210 -8.75 28.01 17.59
CA TYR A 210 -8.17 27.38 18.79
C TYR A 210 -8.89 26.07 19.12
N GLY A 211 -8.84 25.13 18.16
CA GLY A 211 -9.42 23.80 18.29
C GLY A 211 -10.93 23.68 18.34
N MET A 212 -11.64 24.57 17.66
CA MET A 212 -13.10 24.48 17.59
C MET A 212 -13.46 23.43 16.50
N SER A 213 -14.61 22.72 16.66
CA SER A 213 -14.99 21.70 15.67
C SER A 213 -15.43 22.33 14.37
N PRO A 214 -14.95 21.80 13.22
CA PRO A 214 -15.36 22.37 11.92
C PRO A 214 -16.86 22.18 11.68
N TYR A 215 -17.43 23.04 10.78
CA TYR A 215 -18.85 23.06 10.41
C TYR A 215 -19.72 22.91 11.72
N PRO A 216 -19.56 23.82 12.74
CA PRO A 216 -20.28 23.66 14.01
C PRO A 216 -21.78 23.43 13.88
N GLY A 217 -22.26 22.41 14.56
CA GLY A 217 -23.68 22.05 14.58
C GLY A 217 -24.22 21.45 13.30
N ILE A 218 -23.43 21.49 12.18
CA ILE A 218 -23.88 20.95 10.87
C ILE A 218 -23.89 19.42 10.86
N ASP A 219 -25.09 18.87 10.61
CA ASP A 219 -25.35 17.45 10.47
C ASP A 219 -24.38 16.89 9.42
N LEU A 220 -23.50 15.98 9.84
CA LEU A 220 -22.49 15.31 8.99
C LEU A 220 -23.04 14.82 7.64
N SER A 221 -24.24 14.23 7.63
CA SER A 221 -24.84 13.69 6.42
C SER A 221 -25.28 14.78 5.43
N GLN A 222 -25.09 16.08 5.78
CA GLN A 222 -25.46 17.15 4.86
C GLN A 222 -24.26 17.98 4.37
N VAL A 223 -23.04 17.73 4.93
CA VAL A 223 -21.79 18.45 4.57
C VAL A 223 -21.50 18.36 3.05
N TYR A 224 -21.38 17.13 2.46
CA TYR A 224 -21.12 17.00 1.03
C TYR A 224 -22.08 17.87 0.16
N GLU A 225 -23.41 17.75 0.32
CA GLU A 225 -24.40 18.53 -0.45
C GLU A 225 -24.26 20.05 -0.26
N LEU A 226 -23.79 20.51 0.94
CA LEU A 226 -23.60 21.94 1.21
C LEU A 226 -22.41 22.48 0.45
N LEU A 227 -21.29 21.70 0.44
CA LEU A 227 -20.05 22.03 -0.27
C LEU A 227 -20.28 22.12 -1.79
N GLU A 228 -21.18 21.25 -2.33
CA GLU A 228 -21.62 21.21 -3.74
C GLU A 228 -22.23 22.52 -4.22
N LYS A 229 -22.97 23.22 -3.31
CA LYS A 229 -23.68 24.47 -3.53
C LYS A 229 -22.83 25.68 -3.08
N ASP A 230 -21.51 25.52 -3.01
CA ASP A 230 -20.47 26.50 -2.62
C ASP A 230 -20.61 26.98 -1.17
N TYR A 231 -21.09 26.10 -0.25
CA TYR A 231 -21.13 26.52 1.14
C TYR A 231 -19.70 26.30 1.75
N ARG A 232 -19.16 27.30 2.46
CA ARG A 232 -17.84 27.20 3.08
C ARG A 232 -17.90 27.79 4.47
N MET A 233 -16.99 27.37 5.37
CA MET A 233 -17.05 27.90 6.73
C MET A 233 -16.79 29.41 6.79
N GLU A 234 -17.44 30.12 7.72
CA GLU A 234 -17.27 31.57 7.96
C GLU A 234 -15.81 31.90 8.41
N ARG A 235 -15.39 33.16 8.26
CA ARG A 235 -14.05 33.59 8.65
C ARG A 235 -14.01 33.77 10.15
N PRO A 236 -13.18 32.98 10.88
CA PRO A 236 -13.14 33.11 12.35
C PRO A 236 -12.87 34.52 12.87
N GLU A 237 -13.35 34.81 14.09
CA GLU A 237 -13.08 36.12 14.70
C GLU A 237 -11.59 36.25 14.89
N GLY A 238 -11.08 37.40 14.50
CA GLY A 238 -9.66 37.73 14.63
C GLY A 238 -8.75 37.12 13.59
N CYS A 239 -9.29 36.27 12.69
CA CYS A 239 -8.53 35.61 11.63
C CYS A 239 -8.17 36.63 10.54
N PRO A 240 -6.84 36.80 10.24
CA PRO A 240 -6.45 37.72 9.15
C PRO A 240 -7.12 37.38 7.82
N GLU A 241 -7.51 38.44 7.06
CA GLU A 241 -8.17 38.32 5.76
C GLU A 241 -7.29 37.52 4.79
N LYS A 242 -5.94 37.72 4.84
CA LYS A 242 -4.99 37.03 3.97
C LYS A 242 -5.01 35.54 4.27
N VAL A 243 -5.11 35.18 5.56
CA VAL A 243 -5.17 33.77 5.96
C VAL A 243 -6.55 33.17 5.55
N TYR A 244 -7.68 33.91 5.70
CA TYR A 244 -8.97 33.36 5.26
C TYR A 244 -9.01 33.15 3.78
N GLU A 245 -8.33 34.02 3.01
CA GLU A 245 -8.28 33.90 1.56
C GLU A 245 -7.57 32.59 1.20
N LEU A 246 -6.53 32.25 1.96
CA LEU A 246 -5.74 31.04 1.76
C LEU A 246 -6.60 29.82 2.10
N MET A 247 -7.39 29.90 3.17
CA MET A 247 -8.33 28.86 3.58
C MET A 247 -9.30 28.59 2.43
N ARG A 248 -9.88 29.68 1.91
CA ARG A 248 -10.83 29.68 0.81
C ARG A 248 -10.23 29.12 -0.48
N ALA A 249 -8.94 29.47 -0.79
CA ALA A 249 -8.20 28.97 -1.97
C ALA A 249 -7.99 27.46 -1.88
N CYS A 250 -7.78 26.94 -0.64
CA CYS A 250 -7.63 25.50 -0.31
C CYS A 250 -8.93 24.77 -0.57
N TRP A 251 -10.08 25.46 -0.35
CA TRP A 251 -11.39 24.83 -0.47
C TRP A 251 -12.06 25.03 -1.83
N GLN A 252 -11.29 25.23 -2.91
CA GLN A 252 -11.84 25.26 -4.26
C GLN A 252 -12.47 23.89 -4.56
N TRP A 253 -13.59 23.86 -5.32
CA TRP A 253 -14.23 22.59 -5.68
C TRP A 253 -13.29 21.70 -6.53
N ASN A 254 -12.67 22.32 -7.55
CA ASN A 254 -11.77 21.66 -8.47
C ASN A 254 -10.39 21.55 -7.86
N PRO A 255 -9.86 20.29 -7.68
CA PRO A 255 -8.51 20.13 -7.10
C PRO A 255 -7.43 20.94 -7.82
N SER A 256 -7.50 21.07 -9.17
CA SER A 256 -6.52 21.85 -9.94
C SER A 256 -6.47 23.32 -9.51
N ASP A 257 -7.61 23.87 -9.03
CA ASP A 257 -7.69 25.27 -8.62
C ASP A 257 -7.06 25.54 -7.23
N ARG A 258 -6.77 24.50 -6.41
CA ARG A 258 -6.17 24.68 -5.07
C ARG A 258 -4.68 24.97 -5.17
N PRO A 259 -4.11 25.88 -4.34
CA PRO A 259 -2.66 26.15 -4.45
C PRO A 259 -1.80 24.93 -4.14
N SER A 260 -0.51 25.00 -4.49
CA SER A 260 0.47 23.97 -4.15
C SER A 260 0.86 24.15 -2.68
N PHE A 261 1.50 23.15 -2.05
CA PHE A 261 1.96 23.36 -0.68
C PHE A 261 3.21 24.25 -0.69
N ALA A 262 3.91 24.31 -1.86
CA ALA A 262 5.02 25.21 -2.11
C ALA A 262 4.51 26.68 -2.12
N GLU A 263 3.29 26.91 -2.66
CA GLU A 263 2.67 28.24 -2.72
C GLU A 263 2.21 28.69 -1.32
N ILE A 264 1.58 27.75 -0.54
CA ILE A 264 1.04 27.95 0.82
C ILE A 264 2.20 28.27 1.80
N HIS A 265 3.27 27.43 1.80
CA HIS A 265 4.43 27.63 2.65
C HIS A 265 5.13 28.95 2.36
N GLN A 266 5.20 29.36 1.07
CA GLN A 266 5.84 30.62 0.69
C GLN A 266 5.08 31.81 1.29
N ALA A 267 3.72 31.79 1.19
CA ALA A 267 2.82 32.84 1.70
C ALA A 267 2.93 32.95 3.22
N PHE A 268 2.93 31.81 3.94
CA PHE A 268 3.01 31.77 5.40
C PHE A 268 4.35 32.20 5.94
N GLU A 269 5.46 31.77 5.27
CA GLU A 269 6.82 32.13 5.64
C GLU A 269 6.97 33.66 5.47
N THR A 270 6.35 34.23 4.43
CA THR A 270 6.34 35.68 4.19
C THR A 270 5.53 36.41 5.31
N MET A 271 4.32 35.90 5.63
CA MET A 271 3.43 36.49 6.63
C MET A 271 4.02 36.42 8.03
N PHE A 272 4.79 35.35 8.35
CA PHE A 272 5.44 35.20 9.67
C PHE A 272 6.70 36.10 9.77
N GLN A 273 7.42 36.28 8.64
CA GLN A 273 8.57 37.17 8.59
C GLN A 273 8.07 38.62 8.72
N GLU A 274 6.96 38.99 8.01
CA GLU A 274 6.36 40.34 8.07
C GLU A 274 5.86 40.68 9.48
N SER A 275 5.29 39.67 10.18
CA SER A 275 4.76 39.76 11.54
C SER A 275 5.86 40.13 12.56
N SER A 276 7.13 39.88 12.21
CA SER A 276 8.29 40.19 13.04
C SER A 276 8.90 41.56 12.65
N ASP B 8 -5.04 -22.94 17.33
CA ASP B 8 -4.88 -22.28 16.04
C ASP B 8 -5.30 -20.79 16.14
N LYS B 9 -4.32 -19.87 15.98
CA LYS B 9 -4.52 -18.41 16.01
C LYS B 9 -5.35 -17.92 14.78
N TRP B 10 -5.36 -18.74 13.71
CA TRP B 10 -6.01 -18.51 12.42
C TRP B 10 -7.48 -18.94 12.39
N GLU B 11 -7.90 -19.77 13.35
CA GLU B 11 -9.27 -20.28 13.49
C GLU B 11 -10.24 -19.12 13.81
N MET B 12 -11.45 -19.16 13.25
CA MET B 12 -12.42 -18.09 13.47
C MET B 12 -13.89 -18.58 13.47
N GLU B 13 -14.79 -17.75 14.03
CA GLU B 13 -16.24 -18.02 14.14
C GLU B 13 -16.94 -17.77 12.81
N ARG B 14 -17.67 -18.80 12.31
CA ARG B 14 -18.41 -18.78 11.04
C ARG B 14 -19.53 -17.71 10.98
N THR B 15 -19.99 -17.21 12.15
CA THR B 15 -21.06 -16.22 12.31
C THR B 15 -20.60 -14.81 11.88
N ASP B 16 -19.28 -14.55 11.85
CA ASP B 16 -18.71 -13.26 11.43
C ASP B 16 -18.86 -13.04 9.93
N ILE B 17 -18.71 -14.09 9.12
CA ILE B 17 -18.77 -13.98 7.65
C ILE B 17 -20.20 -14.10 7.11
N THR B 18 -20.60 -13.10 6.30
CA THR B 18 -21.88 -13.02 5.60
C THR B 18 -21.60 -13.03 4.10
N MET B 19 -21.96 -14.14 3.41
CA MET B 19 -21.76 -14.32 1.97
C MET B 19 -22.70 -13.40 1.18
N LYS B 20 -22.13 -12.56 0.30
CA LYS B 20 -22.89 -11.62 -0.52
C LYS B 20 -23.10 -12.14 -1.95
N HIS B 21 -22.02 -12.49 -2.69
CA HIS B 21 -22.11 -12.97 -4.07
C HIS B 21 -21.05 -14.03 -4.40
N LYS B 22 -21.44 -15.06 -5.16
CA LYS B 22 -20.54 -16.14 -5.55
C LYS B 22 -19.72 -15.76 -6.79
N LEU B 23 -18.38 -15.87 -6.68
CA LEU B 23 -17.41 -15.58 -7.75
C LEU B 23 -16.72 -16.87 -8.16
N GLU B 30 -16.13 -23.61 -4.22
CA GLU B 30 -16.83 -22.39 -4.64
C GLU B 30 -16.28 -21.15 -3.91
N VAL B 31 -15.92 -20.08 -4.65
CA VAL B 31 -15.39 -18.84 -4.08
C VAL B 31 -16.55 -17.82 -3.95
N TYR B 32 -16.68 -17.20 -2.76
CA TYR B 32 -17.69 -16.22 -2.37
C TYR B 32 -17.10 -14.87 -1.96
N GLU B 33 -17.89 -13.79 -2.09
CA GLU B 33 -17.51 -12.43 -1.71
C GLU B 33 -18.14 -12.09 -0.36
N GLY B 34 -17.69 -12.77 0.68
CA GLY B 34 -18.19 -12.57 2.05
C GLY B 34 -17.83 -11.24 2.66
N VAL B 35 -18.41 -10.96 3.84
CA VAL B 35 -18.15 -9.76 4.63
C VAL B 35 -17.97 -10.17 6.08
N TRP B 36 -16.86 -9.77 6.68
CA TRP B 36 -16.56 -10.02 8.09
C TRP B 36 -17.36 -9.03 8.93
N LYS B 37 -17.99 -9.50 10.03
CA LYS B 37 -18.81 -8.68 10.92
C LYS B 37 -17.93 -7.76 11.75
N LYS B 38 -17.04 -8.36 12.59
CA LYS B 38 -16.11 -7.69 13.52
C LYS B 38 -15.31 -6.54 12.87
N TYR B 39 -14.45 -6.86 11.88
CA TYR B 39 -13.61 -5.86 11.21
C TYR B 39 -14.38 -5.00 10.16
N SER B 40 -15.63 -5.41 9.80
CA SER B 40 -16.53 -4.78 8.81
C SER B 40 -15.87 -4.65 7.40
N LEU B 41 -14.95 -5.59 7.06
CA LEU B 41 -14.20 -5.65 5.80
C LEU B 41 -14.76 -6.67 4.82
N THR B 42 -14.57 -6.41 3.52
CA THR B 42 -14.97 -7.31 2.44
C THR B 42 -13.88 -8.38 2.29
N VAL B 43 -14.28 -9.65 2.38
CA VAL B 43 -13.34 -10.78 2.28
C VAL B 43 -13.70 -11.68 1.08
N ALA B 44 -12.82 -12.64 0.79
CA ALA B 44 -12.97 -13.67 -0.24
C ALA B 44 -12.98 -14.99 0.49
N VAL B 45 -14.03 -15.79 0.30
CA VAL B 45 -14.18 -17.06 1.03
C VAL B 45 -14.24 -18.26 0.07
N LYS B 46 -13.56 -19.36 0.41
CA LYS B 46 -13.58 -20.59 -0.39
C LYS B 46 -14.13 -21.71 0.47
N THR B 47 -15.34 -22.18 0.12
CA THR B 47 -16.08 -23.26 0.79
C THR B 47 -15.58 -24.61 0.22
N LEU B 48 -15.10 -25.48 1.10
CA LEU B 48 -14.62 -26.80 0.71
C LEU B 48 -15.65 -27.83 1.14
N LYS B 49 -16.38 -28.38 0.13
CA LYS B 49 -17.44 -29.38 0.28
C LYS B 49 -16.96 -30.63 1.04
N GLU B 50 -17.86 -31.26 1.78
CA GLU B 50 -17.53 -32.44 2.59
C GLU B 50 -17.20 -33.68 1.73
N ASP B 51 -17.90 -33.87 0.58
CA ASP B 51 -17.74 -35.01 -0.32
C ASP B 51 -16.62 -34.77 -1.36
N THR B 52 -15.36 -34.64 -0.87
CA THR B 52 -14.14 -34.45 -1.67
C THR B 52 -12.92 -35.02 -0.95
N MET B 53 -11.93 -35.51 -1.75
CA MET B 53 -10.66 -36.05 -1.26
C MET B 53 -9.57 -34.95 -1.15
N GLU B 54 -9.80 -33.80 -1.84
CA GLU B 54 -8.91 -32.64 -1.92
C GLU B 54 -8.95 -31.75 -0.66
N VAL B 55 -9.72 -32.14 0.37
CA VAL B 55 -9.87 -31.36 1.61
C VAL B 55 -8.52 -31.32 2.38
N GLU B 56 -7.87 -32.47 2.56
CA GLU B 56 -6.59 -32.55 3.28
C GLU B 56 -5.52 -31.70 2.58
N GLU B 57 -5.45 -31.75 1.24
CA GLU B 57 -4.47 -31.01 0.45
C GLU B 57 -4.72 -29.49 0.53
N PHE B 58 -6.01 -29.08 0.53
CA PHE B 58 -6.38 -27.67 0.62
C PHE B 58 -5.97 -27.09 1.97
N LEU B 59 -6.08 -27.90 3.05
CA LEU B 59 -5.68 -27.48 4.39
C LEU B 59 -4.15 -27.45 4.53
N LYS B 60 -3.46 -28.26 3.73
CA LYS B 60 -1.99 -28.28 3.69
C LYS B 60 -1.50 -27.03 2.96
N GLU B 61 -2.20 -26.64 1.87
CA GLU B 61 -1.87 -25.47 1.07
C GLU B 61 -2.30 -24.18 1.75
N ALA B 62 -3.31 -24.24 2.64
CA ALA B 62 -3.75 -23.06 3.40
C ALA B 62 -2.78 -22.82 4.53
N ALA B 63 -2.17 -23.90 5.06
CA ALA B 63 -1.18 -23.89 6.15
C ALA B 63 0.10 -23.15 5.72
N VAL B 64 0.46 -23.26 4.43
CA VAL B 64 1.60 -22.61 3.80
C VAL B 64 1.40 -21.08 3.85
N MET B 65 0.15 -20.61 3.58
CA MET B 65 -0.25 -19.20 3.57
C MET B 65 -0.11 -18.48 4.94
N LYS B 66 0.14 -19.27 6.01
CA LYS B 66 0.36 -18.76 7.36
C LYS B 66 1.81 -18.27 7.44
N GLU B 67 2.73 -18.97 6.73
CA GLU B 67 4.15 -18.65 6.68
C GLU B 67 4.45 -17.46 5.74
N ILE B 68 3.69 -17.36 4.64
CA ILE B 68 3.85 -16.34 3.60
C ILE B 68 3.36 -14.96 4.06
N LYS B 69 4.27 -14.01 4.10
CA LYS B 69 3.96 -12.62 4.46
C LYS B 69 4.82 -11.67 3.60
N HIS B 70 4.17 -11.10 2.58
CA HIS B 70 4.78 -10.15 1.63
C HIS B 70 3.68 -9.24 1.07
N PRO B 71 3.98 -7.92 0.86
CA PRO B 71 2.95 -7.01 0.35
C PRO B 71 2.40 -7.29 -1.06
N ASN B 72 3.02 -8.23 -1.78
CA ASN B 72 2.65 -8.56 -3.16
C ASN B 72 2.22 -10.01 -3.30
N LEU B 73 1.84 -10.62 -2.17
CA LEU B 73 1.32 -11.97 -2.10
C LEU B 73 -0.01 -11.90 -1.36
N VAL B 74 -1.10 -12.45 -1.95
CA VAL B 74 -2.47 -12.45 -1.38
C VAL B 74 -2.41 -13.01 0.05
N GLN B 75 -2.93 -12.24 1.01
CA GLN B 75 -2.87 -12.55 2.44
C GLN B 75 -4.05 -13.35 2.96
N LEU B 76 -3.72 -14.44 3.66
CA LEU B 76 -4.66 -15.27 4.41
C LEU B 76 -5.14 -14.48 5.63
N LEU B 77 -6.44 -14.57 5.96
CA LEU B 77 -7.01 -13.85 7.11
C LEU B 77 -7.54 -14.79 8.19
N GLY B 78 -8.07 -15.95 7.77
CA GLY B 78 -8.61 -16.93 8.70
C GLY B 78 -9.09 -18.21 8.05
N VAL B 79 -9.35 -19.23 8.90
CA VAL B 79 -9.85 -20.55 8.49
C VAL B 79 -10.99 -21.02 9.43
N CYS B 80 -11.83 -21.95 8.93
CA CYS B 80 -12.93 -22.58 9.66
C CYS B 80 -12.79 -24.11 9.50
N THR B 81 -12.28 -24.80 10.55
CA THR B 81 -12.00 -26.23 10.58
C THR B 81 -12.69 -26.91 11.80
N ARG B 82 -14.03 -26.86 11.80
CA ARG B 82 -14.85 -27.47 12.83
C ARG B 82 -15.76 -28.51 12.19
N GLU B 83 -16.69 -28.05 11.33
CA GLU B 83 -17.64 -28.89 10.62
C GLU B 83 -17.77 -28.46 9.15
N PRO B 84 -18.19 -29.34 8.21
CA PRO B 84 -18.31 -28.91 6.83
C PRO B 84 -19.46 -27.91 6.62
N PRO B 85 -19.40 -27.00 5.61
CA PRO B 85 -18.30 -26.79 4.65
C PRO B 85 -17.15 -26.01 5.28
N PHE B 86 -15.90 -26.45 5.08
CA PHE B 86 -14.74 -25.75 5.64
C PHE B 86 -14.52 -24.43 4.91
N TYR B 87 -14.11 -23.37 5.63
CA TYR B 87 -13.86 -22.05 5.04
C TYR B 87 -12.37 -21.71 5.07
N ILE B 88 -11.92 -20.99 4.03
CA ILE B 88 -10.58 -20.41 3.90
C ILE B 88 -10.82 -18.97 3.48
N ILE B 89 -10.42 -18.04 4.34
CA ILE B 89 -10.69 -16.62 4.13
C ILE B 89 -9.39 -15.89 3.83
N THR B 90 -9.38 -15.16 2.71
CA THR B 90 -8.24 -14.33 2.28
C THR B 90 -8.74 -12.93 2.05
N GLU B 91 -7.81 -11.99 1.78
CA GLU B 91 -8.13 -10.61 1.45
C GLU B 91 -8.90 -10.55 0.13
N PHE B 92 -9.76 -9.52 -0.05
CA PHE B 92 -10.50 -9.42 -1.29
C PHE B 92 -9.77 -8.48 -2.23
N MET B 93 -9.45 -8.98 -3.42
CA MET B 93 -8.76 -8.21 -4.44
C MET B 93 -9.84 -7.62 -5.38
N THR B 94 -10.12 -6.31 -5.20
CA THR B 94 -11.15 -5.52 -5.88
C THR B 94 -11.30 -5.78 -7.40
N TYR B 95 -10.18 -5.79 -8.18
CA TYR B 95 -10.26 -5.85 -9.65
C TYR B 95 -10.03 -7.24 -10.28
N GLY B 96 -10.08 -8.30 -9.46
CA GLY B 96 -9.92 -9.67 -9.96
C GLY B 96 -8.56 -9.93 -10.58
N ASN B 97 -8.47 -10.86 -11.57
CA ASN B 97 -7.19 -11.24 -12.19
C ASN B 97 -6.61 -10.09 -13.06
N LEU B 98 -5.28 -10.16 -13.28
CA LEU B 98 -4.47 -9.18 -14.01
C LEU B 98 -4.65 -9.32 -15.52
N LEU B 99 -4.99 -10.53 -16.00
CA LEU B 99 -5.22 -10.73 -17.43
C LEU B 99 -6.43 -9.92 -17.91
N ASP B 100 -7.62 -10.11 -17.27
CA ASP B 100 -8.84 -9.34 -17.59
C ASP B 100 -8.63 -7.86 -17.28
N TYR B 101 -7.94 -7.52 -16.15
CA TYR B 101 -7.61 -6.13 -15.79
C TYR B 101 -6.89 -5.44 -16.95
N LEU B 102 -5.82 -6.06 -17.51
CA LEU B 102 -5.07 -5.47 -18.62
C LEU B 102 -5.94 -5.30 -19.88
N ARG B 103 -6.65 -6.38 -20.27
CA ARG B 103 -7.51 -6.41 -21.45
C ARG B 103 -8.53 -5.28 -21.45
N GLU B 104 -9.32 -5.19 -20.36
CA GLU B 104 -10.42 -4.24 -20.14
C GLU B 104 -9.98 -2.84 -19.65
N CYS B 105 -8.72 -2.65 -19.26
CA CYS B 105 -8.26 -1.38 -18.67
C CYS B 105 -8.22 -0.19 -19.66
N ASN B 106 -8.03 1.02 -19.09
CA ASN B 106 -7.79 2.26 -19.81
C ASN B 106 -6.26 2.37 -19.96
N ARG B 107 -5.78 2.41 -21.20
CA ARG B 107 -4.33 2.43 -21.51
C ARG B 107 -3.68 3.81 -21.30
N GLN B 108 -4.49 4.83 -20.97
CA GLN B 108 -3.99 6.16 -20.66
C GLN B 108 -3.64 6.19 -19.16
N GLU B 109 -4.50 5.50 -18.35
CA GLU B 109 -4.44 5.30 -16.90
C GLU B 109 -3.35 4.26 -16.62
N VAL B 110 -3.54 3.02 -17.14
CA VAL B 110 -2.58 1.91 -17.07
C VAL B 110 -1.61 2.05 -18.27
N ASN B 111 -0.56 2.86 -18.10
CA ASN B 111 0.41 3.14 -19.15
C ASN B 111 1.79 2.48 -18.89
N ALA B 112 2.81 2.90 -19.65
CA ALA B 112 4.18 2.43 -19.61
C ALA B 112 4.76 2.38 -18.18
N VAL B 113 4.56 3.45 -17.38
CA VAL B 113 5.07 3.54 -16.01
C VAL B 113 4.32 2.55 -15.08
N VAL B 114 3.00 2.37 -15.31
CA VAL B 114 2.17 1.43 -14.54
C VAL B 114 2.59 -0.01 -14.87
N LEU B 115 2.95 -0.32 -16.15
CA LEU B 115 3.35 -1.69 -16.52
C LEU B 115 4.65 -2.08 -15.80
N LEU B 116 5.58 -1.10 -15.63
CA LEU B 116 6.84 -1.30 -14.91
C LEU B 116 6.56 -1.54 -13.43
N TYR B 117 5.67 -0.73 -12.84
CA TYR B 117 5.24 -0.88 -11.47
C TYR B 117 4.64 -2.29 -11.25
N MET B 118 3.85 -2.78 -12.22
CA MET B 118 3.21 -4.10 -12.13
C MET B 118 4.26 -5.23 -12.09
N ALA B 119 5.26 -5.16 -13.02
CA ALA B 119 6.35 -6.13 -13.16
C ALA B 119 7.26 -6.12 -11.94
N THR B 120 7.53 -4.93 -11.35
CA THR B 120 8.34 -4.74 -10.15
C THR B 120 7.69 -5.43 -8.96
N GLN B 121 6.36 -5.35 -8.85
CA GLN B 121 5.59 -5.95 -7.76
C GLN B 121 5.64 -7.46 -7.88
N ILE B 122 5.32 -8.01 -9.07
CA ILE B 122 5.35 -9.45 -9.30
C ILE B 122 6.75 -9.99 -9.00
N SER B 123 7.84 -9.34 -9.50
CA SER B 123 9.21 -9.81 -9.28
C SER B 123 9.62 -9.74 -7.80
N SER B 124 9.11 -8.73 -7.07
CA SER B 124 9.37 -8.56 -5.64
C SER B 124 8.82 -9.79 -4.90
N ALA B 125 7.55 -10.16 -5.18
CA ALA B 125 6.90 -11.31 -4.53
C ALA B 125 7.69 -12.57 -4.79
N MET B 126 8.15 -12.72 -6.05
CA MET B 126 8.93 -13.86 -6.53
C MET B 126 10.33 -13.92 -5.91
N GLU B 127 10.92 -12.75 -5.55
CA GLU B 127 12.23 -12.72 -4.88
C GLU B 127 12.07 -13.24 -3.46
N TYR B 128 10.89 -12.99 -2.85
CA TYR B 128 10.52 -13.47 -1.52
C TYR B 128 10.32 -14.98 -1.58
N LEU B 129 9.56 -15.49 -2.61
CA LEU B 129 9.36 -16.93 -2.78
C LEU B 129 10.71 -17.61 -2.96
N GLU B 130 11.57 -17.06 -3.86
CA GLU B 130 12.93 -17.53 -4.15
C GLU B 130 13.72 -17.69 -2.84
N LYS B 131 13.88 -16.60 -2.09
CA LYS B 131 14.62 -16.52 -0.82
C LYS B 131 14.00 -17.43 0.28
N LYS B 132 12.68 -17.73 0.24
CA LYS B 132 12.03 -18.55 1.26
C LYS B 132 11.86 -20.03 0.78
N ASN B 133 12.61 -20.42 -0.27
CA ASN B 133 12.65 -21.77 -0.88
C ASN B 133 11.25 -22.34 -1.26
N PHE B 134 10.39 -21.47 -1.84
CA PHE B 134 9.07 -21.87 -2.33
C PHE B 134 9.08 -21.83 -3.86
N ILE B 135 8.14 -22.54 -4.48
CA ILE B 135 7.94 -22.62 -5.94
C ILE B 135 6.47 -22.29 -6.22
N HIS B 136 6.21 -21.57 -7.30
CA HIS B 136 4.85 -21.23 -7.67
C HIS B 136 4.22 -22.33 -8.52
N ARG B 137 4.93 -22.74 -9.61
CA ARG B 137 4.59 -23.76 -10.60
C ARG B 137 3.45 -23.35 -11.54
N ASP B 138 2.80 -22.19 -11.31
CA ASP B 138 1.71 -21.72 -12.19
C ASP B 138 1.67 -20.19 -12.24
N LEU B 139 2.79 -19.57 -12.63
CA LEU B 139 2.91 -18.12 -12.70
C LEU B 139 2.37 -17.60 -14.04
N ALA B 140 1.37 -16.69 -13.99
CA ALA B 140 0.70 -16.06 -15.15
C ALA B 140 -0.21 -14.91 -14.68
N ALA B 141 -0.62 -14.02 -15.60
CA ALA B 141 -1.48 -12.86 -15.28
C ALA B 141 -2.86 -13.29 -14.75
N ARG B 142 -3.34 -14.48 -15.14
CA ARG B 142 -4.59 -15.04 -14.66
C ARG B 142 -4.46 -15.43 -13.18
N ASN B 143 -3.21 -15.64 -12.70
CA ASN B 143 -2.95 -16.01 -11.30
C ASN B 143 -2.28 -14.85 -10.52
N CYS B 144 -2.52 -13.62 -11.00
CA CYS B 144 -2.10 -12.36 -10.40
C CYS B 144 -3.37 -11.57 -10.20
N LEU B 145 -3.63 -11.16 -8.96
CA LEU B 145 -4.84 -10.41 -8.65
C LEU B 145 -4.49 -8.93 -8.44
N VAL B 146 -5.42 -8.03 -8.80
CA VAL B 146 -5.16 -6.58 -8.75
C VAL B 146 -6.12 -5.85 -7.79
N GLY B 147 -5.57 -4.94 -6.99
CA GLY B 147 -6.36 -4.11 -6.08
C GLY B 147 -6.40 -2.67 -6.53
N GLU B 148 -6.77 -1.76 -5.63
CA GLU B 148 -6.81 -0.32 -5.92
C GLU B 148 -5.39 0.20 -6.14
N ASN B 149 -5.21 1.22 -6.99
CA ASN B 149 -3.90 1.85 -7.25
C ASN B 149 -2.89 0.92 -7.93
N HIS B 150 -3.37 0.00 -8.80
CA HIS B 150 -2.58 -0.97 -9.61
C HIS B 150 -1.75 -1.90 -8.70
N LEU B 151 -2.37 -2.30 -7.56
CA LEU B 151 -1.74 -3.20 -6.61
C LEU B 151 -1.74 -4.59 -7.18
N VAL B 152 -0.57 -5.16 -7.42
CA VAL B 152 -0.55 -6.52 -7.97
C VAL B 152 -0.05 -7.49 -6.89
N LYS B 153 -0.79 -8.58 -6.71
CA LYS B 153 -0.47 -9.63 -5.77
C LYS B 153 -0.52 -10.99 -6.48
N VAL B 154 0.59 -11.73 -6.39
CA VAL B 154 0.70 -13.08 -6.96
C VAL B 154 -0.18 -14.02 -6.13
N ALA B 155 -0.88 -14.95 -6.80
CA ALA B 155 -1.74 -15.88 -6.06
C ALA B 155 -0.84 -16.91 -5.37
N ASP B 156 -1.05 -17.11 -4.06
CA ASP B 156 -0.25 -18.03 -3.27
C ASP B 156 -1.12 -19.11 -2.62
N PHE B 157 -2.12 -19.62 -3.36
CA PHE B 157 -3.08 -20.59 -2.84
C PHE B 157 -2.64 -22.05 -3.07
N GLY B 158 -1.52 -22.24 -3.75
CA GLY B 158 -0.97 -23.55 -4.02
C GLY B 158 0.54 -23.58 -4.23
N LEU B 159 1.28 -22.88 -3.35
CA LEU B 159 2.76 -22.83 -3.41
C LEU B 159 3.36 -24.17 -3.06
N SER B 160 4.60 -24.41 -3.50
CA SER B 160 5.28 -25.66 -3.25
C SER B 160 6.55 -25.42 -2.49
N ARG B 161 6.68 -26.04 -1.30
CA ARG B 161 7.89 -25.90 -0.49
C ARG B 161 8.94 -26.88 -0.97
N LEU B 162 10.14 -26.40 -1.27
CA LEU B 162 11.24 -27.27 -1.67
C LEU B 162 11.91 -27.85 -0.44
N MET B 163 11.40 -29.01 0.03
CA MET B 163 11.88 -29.72 1.24
C MET B 163 13.34 -30.16 1.12
N THR B 164 13.74 -30.63 -0.07
CA THR B 164 15.09 -31.07 -0.42
C THR B 164 15.37 -30.68 -1.86
N GLY B 165 16.58 -30.21 -2.14
CA GLY B 165 16.99 -29.84 -3.49
C GLY B 165 16.25 -28.65 -4.08
N ASP B 166 16.66 -28.23 -5.28
CA ASP B 166 16.08 -27.06 -5.92
C ASP B 166 15.03 -27.37 -7.00
N THR B 167 14.89 -28.66 -7.41
CA THR B 167 13.91 -29.07 -8.43
C THR B 167 12.80 -29.99 -7.90
N TYR B 168 11.54 -29.54 -8.06
CA TYR B 168 10.29 -30.23 -7.71
C TYR B 168 9.79 -30.98 -8.93
N THR B 169 9.62 -32.29 -8.82
CA THR B 169 9.11 -33.07 -9.96
C THR B 169 7.59 -33.30 -9.79
N ALA B 170 6.80 -32.87 -10.79
CA ALA B 170 5.37 -33.18 -10.84
C ALA B 170 5.31 -34.56 -11.44
N HIS B 171 4.48 -35.45 -10.87
CA HIS B 171 4.37 -36.84 -11.30
C HIS B 171 4.00 -36.99 -12.79
N ALA B 172 4.31 -38.17 -13.36
CA ALA B 172 3.96 -38.53 -14.73
C ALA B 172 2.43 -38.56 -14.87
N GLY B 173 1.92 -37.81 -15.84
CA GLY B 173 0.48 -37.70 -16.07
C GLY B 173 -0.08 -36.33 -15.80
N ALA B 174 0.71 -35.44 -15.14
CA ALA B 174 0.34 -34.07 -14.84
C ALA B 174 0.25 -33.23 -16.13
N LYS B 175 -0.80 -32.39 -16.25
CA LYS B 175 -1.10 -31.53 -17.40
C LYS B 175 -0.86 -30.05 -17.06
N PHE B 176 0.09 -29.39 -17.80
CA PHE B 176 0.55 -28.00 -17.60
C PHE B 176 0.11 -26.99 -18.67
N PRO B 177 0.10 -25.64 -18.36
CA PRO B 177 -0.19 -24.62 -19.40
C PRO B 177 1.03 -24.39 -20.34
N ILE B 178 1.17 -25.23 -21.39
CA ILE B 178 2.24 -25.36 -22.37
C ILE B 178 2.94 -24.00 -22.75
N LYS B 179 2.18 -22.94 -23.04
CA LYS B 179 2.74 -21.64 -23.43
C LYS B 179 3.56 -20.93 -22.32
N TRP B 180 3.32 -21.24 -21.05
CA TRP B 180 4.02 -20.64 -19.90
C TRP B 180 5.10 -21.54 -19.30
N THR B 181 5.03 -22.86 -19.58
CA THR B 181 5.91 -23.87 -18.99
C THR B 181 7.31 -23.91 -19.64
N ALA B 182 8.36 -23.82 -18.80
CA ALA B 182 9.76 -23.92 -19.24
C ALA B 182 10.05 -25.25 -19.97
N PRO B 183 11.07 -25.33 -20.86
CA PRO B 183 11.31 -26.61 -21.61
C PRO B 183 11.63 -27.85 -20.75
N GLU B 184 12.42 -27.68 -19.67
CA GLU B 184 12.75 -28.78 -18.75
C GLU B 184 11.49 -29.31 -18.01
N SER B 185 10.48 -28.46 -17.85
CA SER B 185 9.22 -28.83 -17.22
C SER B 185 8.34 -29.60 -18.21
N LEU B 186 8.36 -29.23 -19.50
CA LEU B 186 7.57 -29.92 -20.53
C LEU B 186 8.17 -31.31 -20.88
N ALA B 187 9.51 -31.38 -20.90
CA ALA B 187 10.26 -32.57 -21.27
C ALA B 187 10.47 -33.55 -20.10
N TYR B 188 10.82 -33.05 -18.92
CA TYR B 188 11.13 -33.89 -17.78
C TYR B 188 10.22 -33.68 -16.55
N ASN B 189 9.13 -32.90 -16.67
CA ASN B 189 8.17 -32.61 -15.57
C ASN B 189 8.88 -32.04 -14.28
N LYS B 190 10.13 -31.54 -14.46
CA LYS B 190 11.02 -30.92 -13.47
C LYS B 190 10.74 -29.40 -13.38
N PHE B 191 10.34 -28.91 -12.19
CA PHE B 191 10.05 -27.48 -11.93
C PHE B 191 11.04 -26.87 -10.91
N SER B 192 11.49 -25.64 -11.14
CA SER B 192 12.42 -24.98 -10.21
C SER B 192 12.07 -23.49 -10.11
N ILE B 193 12.83 -22.68 -9.36
CA ILE B 193 12.55 -21.25 -9.36
C ILE B 193 12.89 -20.71 -10.78
N LYS B 194 13.84 -21.40 -11.47
CA LYS B 194 14.29 -21.07 -12.81
C LYS B 194 13.18 -21.33 -13.83
N SER B 195 12.22 -22.24 -13.50
CA SER B 195 11.10 -22.50 -14.41
C SER B 195 10.02 -21.46 -14.16
N ASP B 196 10.03 -20.86 -12.94
CA ASP B 196 9.14 -19.75 -12.56
C ASP B 196 9.68 -18.48 -13.20
N VAL B 197 11.02 -18.35 -13.34
CA VAL B 197 11.66 -17.24 -14.04
C VAL B 197 11.16 -17.26 -15.50
N TRP B 198 11.14 -18.46 -16.14
CA TRP B 198 10.65 -18.64 -17.50
C TRP B 198 9.22 -18.09 -17.62
N ALA B 199 8.31 -18.56 -16.71
CA ALA B 199 6.91 -18.18 -16.75
C ALA B 199 6.75 -16.68 -16.50
N PHE B 200 7.65 -16.07 -15.71
CA PHE B 200 7.67 -14.63 -15.44
C PHE B 200 7.98 -13.82 -16.75
N GLY B 201 8.82 -14.37 -17.64
CA GLY B 201 9.11 -13.76 -18.93
C GLY B 201 7.89 -13.77 -19.84
N VAL B 202 7.07 -14.87 -19.77
CA VAL B 202 5.83 -15.03 -20.53
C VAL B 202 4.84 -14.01 -20.01
N LEU B 203 4.80 -13.86 -18.68
CA LEU B 203 3.96 -12.89 -17.97
C LEU B 203 4.40 -11.47 -18.35
N LEU B 204 5.72 -11.21 -18.47
CA LEU B 204 6.25 -9.89 -18.86
C LEU B 204 5.69 -9.50 -20.22
N TRP B 205 5.62 -10.50 -21.13
CA TRP B 205 5.11 -10.37 -22.48
C TRP B 205 3.60 -10.17 -22.42
N GLU B 206 2.89 -10.83 -21.47
CA GLU B 206 1.42 -10.64 -21.32
C GLU B 206 1.12 -9.18 -20.93
N ILE B 207 1.92 -8.62 -20.01
CA ILE B 207 1.76 -7.25 -19.56
C ILE B 207 2.03 -6.31 -20.76
N ALA B 208 3.13 -6.52 -21.50
CA ALA B 208 3.57 -5.71 -22.65
C ALA B 208 2.50 -5.55 -23.73
N THR B 209 1.81 -6.68 -24.03
CA THR B 209 0.82 -6.80 -25.09
C THR B 209 -0.62 -6.44 -24.64
N TYR B 210 -0.78 -6.14 -23.35
CA TYR B 210 -2.03 -5.80 -22.67
C TYR B 210 -2.99 -6.98 -22.68
N GLY B 211 -2.49 -8.15 -22.27
CA GLY B 211 -3.27 -9.36 -22.14
C GLY B 211 -3.46 -10.21 -23.38
N MET B 212 -2.55 -10.09 -24.34
CA MET B 212 -2.63 -10.93 -25.54
C MET B 212 -2.25 -12.37 -25.17
N SER B 213 -2.66 -13.36 -25.96
CA SER B 213 -2.26 -14.73 -25.63
C SER B 213 -0.84 -14.97 -26.12
N PRO B 214 0.03 -15.64 -25.32
CA PRO B 214 1.40 -15.93 -25.81
C PRO B 214 1.39 -16.88 -27.02
N TYR B 215 2.42 -16.78 -27.90
CA TYR B 215 2.56 -17.53 -29.15
C TYR B 215 1.22 -17.46 -29.94
N PRO B 216 0.64 -16.22 -30.15
CA PRO B 216 -0.66 -16.12 -30.85
C PRO B 216 -0.66 -16.74 -32.25
N GLY B 217 -1.58 -17.66 -32.47
CA GLY B 217 -1.72 -18.35 -33.73
C GLY B 217 -0.84 -19.57 -33.92
N ILE B 218 0.00 -19.90 -32.92
CA ILE B 218 0.94 -21.03 -33.01
C ILE B 218 0.30 -22.26 -32.38
N ASP B 219 0.23 -23.38 -33.12
CA ASP B 219 -0.34 -24.60 -32.57
C ASP B 219 0.54 -25.11 -31.41
N LEU B 220 -0.12 -25.48 -30.28
CA LEU B 220 0.49 -25.95 -29.04
C LEU B 220 1.52 -27.08 -29.24
N SER B 221 1.25 -27.98 -30.21
CA SER B 221 2.11 -29.13 -30.50
C SER B 221 3.51 -28.72 -30.94
N GLN B 222 3.61 -27.56 -31.61
CA GLN B 222 4.82 -27.02 -32.21
C GLN B 222 5.74 -26.27 -31.25
N VAL B 223 5.19 -25.81 -30.11
CA VAL B 223 5.84 -24.99 -29.08
C VAL B 223 7.14 -25.61 -28.59
N TYR B 224 7.14 -26.89 -28.13
CA TYR B 224 8.41 -27.47 -27.62
C TYR B 224 9.51 -27.46 -28.71
N GLU B 225 9.25 -28.05 -29.91
CA GLU B 225 10.22 -28.11 -31.03
C GLU B 225 10.71 -26.70 -31.39
N LEU B 226 9.78 -25.72 -31.54
CA LEU B 226 10.12 -24.34 -31.87
C LEU B 226 11.03 -23.70 -30.80
N LEU B 227 10.71 -23.84 -29.48
CA LEU B 227 11.57 -23.28 -28.42
C LEU B 227 12.97 -23.96 -28.44
N GLU B 228 12.99 -25.26 -28.83
CA GLU B 228 14.18 -26.08 -28.89
C GLU B 228 15.09 -25.60 -29.99
N LYS B 229 14.48 -25.03 -31.04
CA LYS B 229 15.15 -24.54 -32.23
C LYS B 229 15.28 -23.03 -32.18
N ASP B 230 15.37 -22.50 -30.95
CA ASP B 230 15.60 -21.12 -30.55
C ASP B 230 14.48 -20.13 -30.89
N TYR B 231 13.29 -20.61 -31.32
CA TYR B 231 12.19 -19.68 -31.54
C TYR B 231 11.75 -19.09 -30.20
N ARG B 232 11.60 -17.75 -30.15
CA ARG B 232 11.12 -16.95 -29.02
C ARG B 232 10.15 -15.89 -29.56
N MET B 233 9.22 -15.44 -28.71
CA MET B 233 8.25 -14.40 -29.07
C MET B 233 8.98 -13.12 -29.40
N GLU B 234 8.53 -12.45 -30.49
CA GLU B 234 9.06 -11.15 -30.93
C GLU B 234 8.76 -10.05 -29.88
N ARG B 235 9.61 -8.99 -29.85
CA ARG B 235 9.44 -7.84 -28.95
C ARG B 235 8.11 -7.17 -29.24
N PRO B 236 7.18 -7.11 -28.27
CA PRO B 236 5.87 -6.47 -28.51
C PRO B 236 5.97 -4.99 -28.87
N GLU B 237 4.98 -4.50 -29.66
CA GLU B 237 4.88 -3.10 -30.06
C GLU B 237 4.86 -2.22 -28.81
N GLY B 238 5.81 -1.30 -28.75
CA GLY B 238 5.96 -0.37 -27.64
C GLY B 238 6.69 -0.88 -26.42
N CYS B 239 7.15 -2.13 -26.44
CA CYS B 239 7.88 -2.70 -25.30
C CYS B 239 9.36 -2.20 -25.28
N PRO B 240 9.81 -1.54 -24.17
CA PRO B 240 11.21 -1.07 -24.10
C PRO B 240 12.25 -2.18 -24.37
N GLU B 241 13.40 -1.82 -25.00
CA GLU B 241 14.46 -2.78 -25.34
C GLU B 241 15.05 -3.43 -24.09
N LYS B 242 15.21 -2.64 -22.99
CA LYS B 242 15.75 -3.14 -21.71
C LYS B 242 14.83 -4.19 -21.11
N VAL B 243 13.49 -4.03 -21.26
CA VAL B 243 12.49 -4.97 -20.74
C VAL B 243 12.53 -6.27 -21.54
N TYR B 244 12.55 -6.16 -22.90
CA TYR B 244 12.58 -7.34 -23.77
C TYR B 244 13.86 -8.14 -23.59
N GLU B 245 14.97 -7.46 -23.25
CA GLU B 245 16.27 -8.09 -22.98
C GLU B 245 16.16 -9.08 -21.79
N LEU B 246 15.45 -8.68 -20.72
CA LEU B 246 15.21 -9.52 -19.54
C LEU B 246 14.28 -10.64 -19.92
N MET B 247 13.23 -10.30 -20.67
CA MET B 247 12.23 -11.24 -21.17
C MET B 247 12.95 -12.38 -21.93
N ARG B 248 13.99 -12.05 -22.70
CA ARG B 248 14.81 -13.01 -23.45
C ARG B 248 15.75 -13.77 -22.52
N ALA B 249 16.28 -13.09 -21.46
CA ALA B 249 17.14 -13.70 -20.44
C ALA B 249 16.38 -14.76 -19.67
N CYS B 250 15.07 -14.50 -19.41
CA CYS B 250 14.17 -15.45 -18.76
C CYS B 250 13.96 -16.67 -19.63
N TRP B 251 14.03 -16.52 -20.95
CA TRP B 251 13.79 -17.62 -21.86
C TRP B 251 15.09 -18.27 -22.36
N GLN B 252 16.09 -18.41 -21.48
CA GLN B 252 17.31 -19.14 -21.80
C GLN B 252 17.01 -20.62 -21.75
N TRP B 253 17.47 -21.39 -22.74
CA TRP B 253 17.24 -22.85 -22.77
C TRP B 253 17.70 -23.54 -21.48
N ASN B 254 18.99 -23.32 -21.04
CA ASN B 254 19.51 -23.92 -19.80
C ASN B 254 19.00 -23.12 -18.61
N PRO B 255 18.23 -23.76 -17.69
CA PRO B 255 17.73 -23.03 -16.50
C PRO B 255 18.82 -22.22 -15.77
N SER B 256 20.07 -22.73 -15.73
CA SER B 256 21.22 -22.08 -15.08
C SER B 256 21.59 -20.72 -15.68
N ASP B 257 21.26 -20.47 -16.96
CA ASP B 257 21.56 -19.21 -17.68
C ASP B 257 20.44 -18.14 -17.48
N ARG B 258 19.35 -18.51 -16.80
CA ARG B 258 18.25 -17.60 -16.51
C ARG B 258 18.63 -16.77 -15.28
N PRO B 259 18.27 -15.46 -15.22
CA PRO B 259 18.62 -14.69 -14.03
C PRO B 259 17.78 -15.09 -12.84
N SER B 260 18.22 -14.73 -11.62
CA SER B 260 17.44 -14.98 -10.42
C SER B 260 16.38 -13.89 -10.31
N PHE B 261 15.37 -14.09 -9.43
CA PHE B 261 14.36 -13.04 -9.23
C PHE B 261 15.00 -11.86 -8.50
N ALA B 262 16.08 -12.09 -7.72
CA ALA B 262 16.86 -11.04 -7.05
C ALA B 262 17.49 -10.09 -8.09
N GLU B 263 17.95 -10.64 -9.21
CA GLU B 263 18.51 -9.90 -10.34
C GLU B 263 17.42 -9.12 -11.09
N ILE B 264 16.29 -9.82 -11.40
CA ILE B 264 15.11 -9.30 -12.11
C ILE B 264 14.47 -8.16 -11.32
N HIS B 265 14.28 -8.34 -9.98
CA HIS B 265 13.67 -7.30 -9.17
C HIS B 265 14.56 -6.06 -9.12
N GLN B 266 15.90 -6.24 -8.99
CA GLN B 266 16.85 -5.12 -8.97
C GLN B 266 16.83 -4.35 -10.30
N ALA B 267 16.66 -5.09 -11.42
CA ALA B 267 16.58 -4.55 -12.78
C ALA B 267 15.30 -3.69 -12.96
N PHE B 268 14.14 -4.23 -12.53
CA PHE B 268 12.86 -3.53 -12.64
C PHE B 268 12.78 -2.35 -11.68
N GLU B 269 13.33 -2.46 -10.47
CA GLU B 269 13.33 -1.35 -9.52
C GLU B 269 14.15 -0.17 -10.02
N THR B 270 15.28 -0.45 -10.70
CA THR B 270 16.16 0.58 -11.28
C THR B 270 15.41 1.29 -12.42
N MET B 271 14.87 0.52 -13.38
CA MET B 271 14.11 1.01 -14.53
C MET B 271 12.95 1.86 -14.08
N PHE B 272 12.22 1.42 -13.01
CA PHE B 272 11.05 2.06 -12.43
C PHE B 272 11.38 3.45 -11.85
N GLN B 273 12.53 3.58 -11.17
CA GLN B 273 13.00 4.86 -10.62
C GLN B 273 13.35 5.82 -11.75
N GLU B 274 14.07 5.33 -12.78
CA GLU B 274 14.49 6.10 -13.96
C GLU B 274 13.29 6.61 -14.78
N SER B 275 12.24 5.76 -14.96
CA SER B 275 11.02 6.09 -15.73
C SER B 275 10.19 7.18 -15.04
N SER B 276 10.39 7.39 -13.72
CA SER B 276 9.72 8.41 -12.91
C SER B 276 10.63 9.65 -12.72
N ILE B 277 11.64 9.80 -13.62
CA ILE B 277 12.63 10.89 -13.66
C ILE B 277 12.89 11.26 -15.14
O1 4B7 C . 1.95 8.84 18.78
C1 4B7 C . 3.16 9.00 18.98
N1 4B7 C . 4.12 8.13 18.56
C2 4B7 C . 3.97 7.02 17.69
C13 4B7 C . 4.99 6.08 17.75
C12 4B7 C . 4.93 4.90 17.05
C5 4B7 C . 3.79 4.63 16.28
O2 4B7 C . 3.78 3.38 15.67
C6 4B7 C . 3.39 3.32 14.33
C11 4B7 C . 4.15 4.07 13.37
C10 4B7 C . 3.71 4.04 12.05
C9 4B7 C . 2.59 3.30 11.68
C8 4B7 C . 1.86 2.58 12.63
C7 4B7 C . 2.26 2.57 13.97
C4 4B7 C . 2.74 5.54 16.19
C3 4B7 C . 2.84 6.74 16.90
C14 4B7 C . 3.59 10.12 19.85
C15 4B7 C . 4.70 10.94 19.80
N2 4B7 C . 4.72 11.94 20.77
C16 4B7 C . 3.59 11.81 21.54
S 4B7 C . 2.56 10.52 21.07
N3 4B7 C . 3.36 12.62 22.68
C17 4B7 C . 2.25 12.56 23.54
C27 4B7 C . 2.25 13.42 24.71
C20 4B7 C . 1.19 13.23 25.64
N5 4B7 C . 0.18 12.30 25.44
C18 4B7 C . 0.26 11.54 24.28
C19 4B7 C . -0.82 10.47 24.09
N4 4B7 C . 1.24 11.65 23.32
N6 4B7 C . 1.07 13.94 26.88
C26 4B7 C . -0.08 13.82 27.81
C25 4B7 C . -0.79 15.16 27.84
N7 4B7 C . 0.16 16.21 28.32
C22 4B7 C . 1.35 16.27 27.41
C21 4B7 C . 2.05 14.92 27.40
H2 4B7 C . 5.06 8.29 18.90
H11 4B7 C . 5.85 6.22 18.41
H10 4B7 C . 5.76 4.21 17.06
H9 4B7 C . 5.02 4.64 13.67
H8 4B7 C . 4.25 4.58 11.28
H7 4B7 C . 2.27 3.30 10.65
H6 4B7 C . 0.97 2.02 12.33
H5 4B7 C . 1.71 1.99 14.72
H4 4B7 C . 1.87 5.36 15.57
H3 4B7 C . 1.99 7.42 16.79
H12 4B7 C . 5.53 10.87 19.09
H13 4B7 C . 4.11 13.29 22.88
H30 4B7 C . 3.04 14.16 24.85
H14 4B7 C . -1.05 9.95 25.02
H15 4B7 C . -1.75 10.91 23.75
H16 4B7 C . -0.51 9.73 23.36
H28 4B7 C . 0.25 13.51 28.81
H29 4B7 C . -0.80 13.05 27.54
H27 4B7 C . -1.68 15.12 28.46
H26 4B7 C . -1.15 15.43 26.85
H19 4B7 C . 2.02 17.10 27.67
H20 4B7 C . 1.02 16.54 26.40
H17 4B7 C . 2.38 14.68 28.40
H18 4B7 C . 2.98 14.94 26.83
C1 EDO D . -1.69 10.58 10.91
O1 EDO D . -3.02 10.05 10.96
C2 EDO D . -0.81 9.82 9.87
O2 EDO D . -1.38 9.81 8.54
H11 EDO D . -1.67 11.66 10.75
H12 EDO D . -1.31 10.41 11.92
HO1 EDO D . -3.02 9.13 10.57
H21 EDO D . 0.15 10.32 9.74
H22 EDO D . -0.61 8.82 10.24
HO2 EDO D . -0.63 9.76 7.90
O1 MES E . -11.22 11.76 15.61
C2 MES E . -11.86 10.86 14.72
C3 MES E . -12.53 11.59 13.58
N4 MES E . -13.51 12.59 14.12
C5 MES E . -12.83 13.51 15.09
C6 MES E . -12.16 12.69 16.16
C7 MES E . -14.21 13.36 13.02
C8 MES E . -15.18 12.48 12.27
S MES E . -16.27 13.48 11.26
O1S MES E . -15.42 14.40 10.52
O2S MES E . -17.15 14.16 12.19
O3S MES E . -16.98 12.54 10.41
H21 MES E . -12.56 10.21 15.24
H22 MES E . -11.05 10.23 14.36
H31 MES E . -11.78 12.10 12.96
H32 MES E . -13.02 10.89 12.92
HN4 MES E . -14.21 12.08 14.62
H51 MES E . -13.55 14.19 15.51
H52 MES E . -12.11 14.14 14.58
H61 MES E . -11.69 13.32 16.93
H62 MES E . -12.87 12.06 16.69
H71 MES E . -14.74 14.21 13.46
H72 MES E . -13.47 13.78 12.35
H81 MES E . -14.69 11.76 11.62
H82 MES E . -15.79 11.86 12.92
O1 4B7 F . -9.70 -16.22 -5.23
C1 4B7 F . -9.62 -15.45 -4.28
N1 4B7 F . -9.46 -15.84 -2.97
C2 4B7 F . -9.18 -17.12 -2.46
C13 4B7 F . -9.48 -17.30 -1.08
C12 4B7 F . -9.31 -18.53 -0.47
C5 4B7 F . -8.85 -19.61 -1.22
O2 4B7 F . -8.81 -20.76 -0.50
C6 4B7 F . -7.66 -21.50 -0.53
C11 4B7 F . -7.87 -22.88 -0.79
C10 4B7 F . -6.77 -23.74 -0.77
C9 4B7 F . -5.50 -23.24 -0.48
C8 4B7 F . -5.30 -21.87 -0.23
C7 4B7 F . -6.38 -20.98 -0.24
C4 4B7 F . -8.54 -19.49 -2.58
C3 4B7 F . -8.70 -18.24 -3.21
C14 4B7 F . -9.84 -14.00 -4.53
C15 4B7 F . -9.41 -12.88 -3.82
N2 4B7 F . -9.82 -11.66 -4.38
C16 4B7 F . -10.55 -11.93 -5.50
S 4B7 F . -10.70 -13.59 -5.87
N3 4B7 F . -11.23 -10.89 -6.17
C17 4B7 F . -12.04 -11.04 -7.33
C27 4B7 F . -12.74 -9.90 -7.91
C20 4B7 F . -13.62 -10.18 -9.01
N5 4B7 F . -13.76 -11.48 -9.54
C18 4B7 F . -13.05 -12.47 -8.92
C19 4B7 F . -13.23 -13.87 -9.45
N4 4B7 F . -12.21 -12.32 -7.85
N6 4B7 F . -14.53 -9.24 -9.61
C26 4B7 F . -14.64 -7.81 -9.28
C25 4B7 F . -14.28 -7.00 -10.52
N7 4B7 F . -15.16 -7.40 -11.67
C22 4B7 F . -15.10 -8.87 -11.88
C21 4B7 F . -15.54 -9.58 -10.61
C23 4B7 F . -14.79 -6.65 -12.92
C24 4B7 F . -15.99 -6.39 -13.81
O3 4B7 F . -16.46 -7.58 -14.43
H2 4B7 F . -9.51 -15.10 -2.26
H11 4B7 F . -9.91 -16.50 -0.49
H10 4B7 F . -9.53 -18.65 0.59
H9 4B7 F . -8.87 -23.24 -1.02
H8 4B7 F . -6.92 -24.79 -0.95
H7 4B7 F . -4.66 -23.93 -0.43
H6 4B7 F . -4.29 -21.50 -0.02
H5 4B7 F . -6.23 -19.91 -0.06
H4 4B7 F . -8.20 -20.35 -3.16
H3 4B7 F . -8.47 -18.20 -4.27
H12 4B7 F . -8.82 -12.87 -2.91
H13 4B7 F . -11.15 -9.97 -5.75
H30 4B7 F . -12.59 -8.90 -7.51
H14 4B7 F . -14.21 -14.02 -9.89
H15 4B7 F . -12.50 -14.09 -10.21
H16 4B7 F . -13.11 -14.60 -8.65
H28 4B7 F . -14.07 -7.53 -8.39
H29 4B7 F . -15.66 -7.54 -8.99
H27 4B7 F . -13.22 -7.13 -10.76
H26 4B7 F . -14.38 -5.94 -10.34
H19 4B7 F . -14.10 -9.18 -12.17
H20 4B7 F . -15.71 -9.20 -12.72
H17 4B7 F . -15.68 -10.64 -10.79
H18 4B7 F . -16.54 -9.26 -10.30
H22 4B7 F . -14.04 -7.23 -13.47
H21 4B7 F . -14.29 -5.72 -12.68
H23 4B7 F . -16.75 -5.85 -13.24
H24 4B7 F . -15.73 -5.72 -14.64
H25 4B7 F . -17.44 -7.49 -14.57
C1 EDO G . 0.63 -25.62 -9.55
O1 EDO G . -0.70 -25.84 -9.99
C2 EDO G . 0.61 -25.00 -8.13
O2 EDO G . 1.91 -25.11 -7.54
H11 EDO G . 1.23 -26.53 -9.57
H12 EDO G . 1.06 -24.94 -10.27
HO1 EDO G . -1.12 -24.95 -10.10
H21 EDO G . 0.40 -23.93 -8.18
H22 EDO G . -0.17 -25.45 -7.52
HO2 EDO G . 2.20 -24.20 -7.29
O1 MES H . -6.63 -21.24 -18.37
C2 MES H . -6.04 -20.17 -19.13
C3 MES H . -5.54 -20.64 -20.47
N4 MES H . -4.56 -21.75 -20.28
C5 MES H . -5.18 -22.85 -19.49
C6 MES H . -5.70 -22.31 -18.18
C7 MES H . -4.01 -22.23 -21.60
C8 MES H . -2.69 -22.91 -21.37
S MES H . -1.98 -23.53 -22.86
O1S MES H . -0.58 -23.12 -22.85
O2S MES H . -2.13 -24.99 -22.80
O3S MES H . -2.72 -22.94 -23.95
H21 MES H . -5.25 -19.68 -18.56
H22 MES H . -6.84 -19.44 -19.22
H31 MES H . -6.38 -20.97 -21.09
H32 MES H . -5.08 -19.82 -21.02
HN4 MES H . -3.79 -21.38 -19.74
H51 MES H . -4.48 -23.66 -19.31
H52 MES H . -5.99 -23.31 -20.06
H61 MES H . -6.12 -23.09 -17.55
H62 MES H . -4.90 -21.86 -17.59
H71 MES H . -4.72 -22.92 -22.05
H72 MES H . -3.90 -21.39 -22.28
H81 MES H . -1.96 -22.24 -20.90
H82 MES H . -2.75 -23.73 -20.67
#